data_7Q2B
#
_entry.id   7Q2B
#
_cell.length_a   57.289
_cell.length_b   57.289
_cell.length_c   205.992
_cell.angle_alpha   90.00
_cell.angle_beta   90.00
_cell.angle_gamma   120.00
#
_symmetry.space_group_name_H-M   'P 31 2 1'
#
loop_
_entity.id
_entity.type
_entity.pdbx_description
1 polymer 'Hydroxymycolate synthase MmaA4'
2 non-polymer 2-(phenylmethyl)imidazolidine
3 non-polymer 'DIMETHYL SULFOXIDE'
4 non-polymer 'MAGNESIUM ION'
5 water water
#
_entity_poly.entity_id   1
_entity_poly.type   'polypeptide(L)'
_entity_poly.pdbx_seq_one_letter_code
;MGSSHYHHHHSSGLVPRGSHMAEKPISPTKTRTRFEDIQAHYDVSDDFFALFQDPTRTYSCAYFEPPELTLEEAQYAKVD
LNLDKLDLKPGMTLLDIGCGWGTTMRRAVERFDVNVIGLTLSKNQHARCEQVLASIDTNRSRQVLLQGWEDFAEPVDRIV
SIEAFEHFGHENYDDFFKRCFNIMPADGRMTVQSSVSYHPYEMAARGKKLSFETARFIKFIVTEIFPGGRLPSTEMMVEH
GEKAGFTVPEPLSLRPHYIKTLRIWGDTLQSNKDKAIEVTSEEVYNRYMKYLRGCEHYFTDEMLDCSLVTYLKPGAAA
;
_entity_poly.pdbx_strand_id   A
#
loop_
_chem_comp.id
_chem_comp.type
_chem_comp.name
_chem_comp.formula
DMS non-polymer 'DIMETHYL SULFOXIDE' 'C2 H6 O S'
M6H non-polymer 2-(phenylmethyl)imidazolidine 'C10 H14 N2'
MG non-polymer 'MAGNESIUM ION' 'Mg 2'
#
# COMPACT_ATOMS: atom_id res chain seq x y z
N GLU A 36 -7.64 -1.13 22.25
CA GLU A 36 -6.25 -1.67 22.15
C GLU A 36 -6.31 -3.19 22.30
N ASP A 37 -6.57 -3.67 23.52
CA ASP A 37 -6.72 -5.13 23.74
C ASP A 37 -7.72 -5.67 22.71
N ILE A 38 -8.87 -5.01 22.58
CA ILE A 38 -9.93 -5.49 21.64
C ILE A 38 -9.37 -5.52 20.21
N GLN A 39 -8.47 -4.58 19.89
CA GLN A 39 -7.83 -4.56 18.55
C GLN A 39 -6.83 -5.71 18.48
N ALA A 40 -6.07 -5.94 19.55
CA ALA A 40 -5.04 -7.01 19.57
C ALA A 40 -5.71 -8.36 19.33
N HIS A 41 -7.00 -8.47 19.64
CA HIS A 41 -7.75 -9.71 19.35
C HIS A 41 -7.66 -10.00 17.85
N TYR A 42 -7.35 -8.98 17.05
CA TYR A 42 -7.36 -9.15 15.58
C TYR A 42 -5.93 -9.29 15.04
N ASP A 43 -4.93 -9.38 15.91
CA ASP A 43 -3.52 -9.70 15.52
C ASP A 43 -3.51 -11.11 14.93
N VAL A 44 -2.87 -11.27 13.78
CA VAL A 44 -2.77 -12.57 13.05
C VAL A 44 -1.29 -12.81 12.73
N SER A 45 -0.87 -14.07 12.88
CA SER A 45 0.51 -14.57 12.63
C SER A 45 0.92 -14.27 11.17
N ASP A 46 2.17 -13.87 10.95
CA ASP A 46 2.76 -13.71 9.59
C ASP A 46 2.54 -15.02 8.82
N ASP A 47 2.55 -16.17 9.52
CA ASP A 47 2.45 -17.53 8.93
C ASP A 47 1.13 -17.68 8.18
N PHE A 48 0.04 -17.09 8.70
CA PHE A 48 -1.30 -17.14 8.07
C PHE A 48 -1.26 -16.41 6.73
N PHE A 49 -0.71 -15.20 6.71
CA PHE A 49 -0.61 -14.35 5.49
C PHE A 49 0.12 -15.08 4.37
N ALA A 50 1.16 -15.86 4.71
CA ALA A 50 1.96 -16.66 3.75
C ALA A 50 1.08 -17.70 3.03
N LEU A 51 -0.07 -18.09 3.61
CA LEU A 51 -0.96 -19.12 3.04
C LEU A 51 -1.94 -18.52 2.01
N PHE A 52 -1.90 -17.22 1.71
CA PHE A 52 -2.71 -16.65 0.59
C PHE A 52 -1.87 -15.73 -0.32
N GLN A 53 -0.74 -15.21 0.14
CA GLN A 53 0.05 -14.25 -0.66
C GLN A 53 1.02 -15.03 -1.57
N ASP A 54 1.58 -14.33 -2.54
CA ASP A 54 2.66 -14.86 -3.40
C ASP A 54 3.92 -15.03 -2.56
N PRO A 55 4.97 -15.67 -3.11
CA PRO A 55 6.22 -15.87 -2.36
C PRO A 55 6.91 -14.60 -1.84
N THR A 56 6.70 -13.42 -2.44
CA THR A 56 7.29 -12.14 -1.94
C THR A 56 6.54 -11.63 -0.70
N ARG A 57 5.37 -12.20 -0.41
CA ARG A 57 4.48 -11.79 0.71
C ARG A 57 4.07 -10.33 0.52
N THR A 58 3.82 -9.92 -0.73
CA THR A 58 3.32 -8.56 -0.99
C THR A 58 1.85 -8.50 -0.60
N TYR A 59 1.51 -7.61 0.33
CA TYR A 59 0.13 -7.38 0.83
C TYR A 59 -0.40 -6.06 0.25
N SER A 60 -0.52 -6.02 -1.07
CA SER A 60 -1.00 -4.83 -1.81
C SER A 60 -1.40 -5.28 -3.22
N CYS A 61 -2.06 -4.39 -3.93
CA CYS A 61 -2.56 -4.62 -5.30
C CYS A 61 -1.41 -4.95 -6.26
N ALA A 62 -1.47 -6.10 -6.93
CA ALA A 62 -0.53 -6.47 -8.02
C ALA A 62 -0.91 -5.72 -9.31
N TYR A 63 -0.04 -5.75 -10.33
CA TYR A 63 -0.28 -5.07 -11.63
C TYR A 63 -0.09 -6.07 -12.76
N PHE A 64 -1.19 -6.59 -13.31
CA PHE A 64 -1.20 -7.62 -14.38
C PHE A 64 -1.06 -6.93 -15.74
N GLU A 65 0.15 -6.45 -16.04
CA GLU A 65 0.56 -5.93 -17.36
C GLU A 65 1.90 -6.56 -17.73
N PRO A 66 1.92 -7.48 -18.72
CA PRO A 66 0.72 -7.90 -19.46
C PRO A 66 -0.25 -8.73 -18.63
N PRO A 67 -1.51 -8.95 -19.11
CA PRO A 67 -2.52 -9.67 -18.32
C PRO A 67 -2.17 -11.07 -17.81
N GLU A 68 -1.25 -11.79 -18.46
CA GLU A 68 -0.97 -13.23 -18.14
C GLU A 68 0.21 -13.37 -17.16
N LEU A 69 0.67 -12.31 -16.50
CA LEU A 69 1.69 -12.42 -15.40
C LEU A 69 1.12 -13.29 -14.27
N THR A 70 1.96 -14.11 -13.62
CA THR A 70 1.64 -14.73 -12.32
C THR A 70 1.48 -13.61 -11.28
N LEU A 71 0.87 -13.91 -10.14
CA LEU A 71 0.71 -12.92 -9.03
C LEU A 71 2.10 -12.38 -8.67
N GLU A 72 3.08 -13.27 -8.51
CA GLU A 72 4.47 -12.91 -8.13
C GLU A 72 5.05 -11.91 -9.13
N GLU A 73 4.97 -12.20 -10.42
CA GLU A 73 5.47 -11.30 -11.50
C GLU A 73 4.69 -9.97 -11.46
N ALA A 74 3.37 -10.03 -11.25
CA ALA A 74 2.47 -8.86 -11.16
C ALA A 74 2.85 -7.99 -9.94
N GLN A 75 3.34 -8.57 -8.85
CA GLN A 75 3.77 -7.79 -7.67
C GLN A 75 5.06 -7.03 -8.03
N TYR A 76 5.98 -7.65 -8.77
CA TYR A 76 7.18 -6.95 -9.28
C TYR A 76 6.75 -5.85 -10.25
N ALA A 77 5.79 -6.13 -11.12
CA ALA A 77 5.30 -5.14 -12.11
C ALA A 77 4.70 -3.92 -11.38
N LYS A 78 4.00 -4.13 -10.27
CA LYS A 78 3.40 -3.02 -9.48
C LYS A 78 4.51 -2.16 -8.89
N VAL A 79 5.57 -2.79 -8.37
CA VAL A 79 6.74 -2.04 -7.84
C VAL A 79 7.32 -1.17 -8.96
N ASP A 80 7.53 -1.76 -10.13
CA ASP A 80 8.09 -1.05 -11.30
C ASP A 80 7.17 0.10 -11.69
N LEU A 81 5.86 -0.14 -11.72
CA LEU A 81 4.84 0.88 -12.06
C LEU A 81 5.07 2.10 -11.16
N ASN A 82 5.25 1.88 -9.85
CA ASN A 82 5.47 2.99 -8.89
C ASN A 82 6.84 3.65 -9.15
N LEU A 83 7.91 2.86 -9.19
CA LEU A 83 9.29 3.42 -9.26
C LEU A 83 9.49 4.20 -10.57
N ASP A 84 8.88 3.75 -11.66
CA ASP A 84 9.07 4.39 -13.00
C ASP A 84 8.43 5.78 -13.02
N LYS A 85 7.58 6.11 -12.05
CA LYS A 85 6.93 7.44 -11.98
C LYS A 85 7.83 8.46 -11.26
N LEU A 86 8.93 8.03 -10.64
CA LEU A 86 9.63 8.83 -9.60
C LEU A 86 10.88 9.54 -10.14
N ASP A 87 11.19 9.45 -11.43
CA ASP A 87 12.37 10.15 -12.00
C ASP A 87 13.59 9.87 -11.09
N LEU A 88 13.89 8.60 -10.81
CA LEU A 88 15.03 8.22 -9.93
C LEU A 88 16.32 8.20 -10.75
N LYS A 89 17.35 8.89 -10.26
CA LYS A 89 18.69 8.95 -10.91
C LYS A 89 19.70 8.31 -9.97
N PRO A 90 20.81 7.75 -10.48
CA PRO A 90 21.81 7.14 -9.60
C PRO A 90 22.29 8.11 -8.51
N GLY A 91 22.38 7.61 -7.27
CA GLY A 91 22.93 8.36 -6.14
C GLY A 91 21.87 9.14 -5.38
N MET A 92 20.64 9.15 -5.87
CA MET A 92 19.50 9.72 -5.11
C MET A 92 19.19 8.82 -3.92
N THR A 93 18.43 9.33 -2.95
CA THR A 93 17.89 8.52 -1.83
C THR A 93 16.38 8.44 -1.98
N LEU A 94 15.88 7.21 -2.06
CA LEU A 94 14.43 6.90 -2.07
C LEU A 94 13.98 6.53 -0.65
N LEU A 95 12.93 7.19 -0.17
CA LEU A 95 12.24 6.85 1.09
C LEU A 95 11.04 5.97 0.76
N ASP A 96 10.95 4.81 1.40
CA ASP A 96 9.77 3.92 1.28
C ASP A 96 8.98 3.98 2.59
N ILE A 97 7.81 4.61 2.59
CA ILE A 97 6.99 4.76 3.82
C ILE A 97 6.05 3.56 3.89
N GLY A 98 6.34 2.64 4.83
CA GLY A 98 5.64 1.34 4.91
C GLY A 98 6.31 0.34 3.98
N CYS A 99 7.57 -0.01 4.28
CA CYS A 99 8.49 -0.70 3.36
C CYS A 99 8.24 -2.21 3.34
N GLY A 100 7.28 -2.70 4.12
CA GLY A 100 6.89 -4.12 4.14
C GLY A 100 8.08 -5.05 4.33
N TRP A 101 8.25 -6.02 3.42
CA TRP A 101 9.30 -7.06 3.49
C TRP A 101 10.51 -6.64 2.66
N GLY A 102 10.53 -5.41 2.14
CA GLY A 102 11.73 -4.78 1.55
C GLY A 102 11.82 -4.94 0.05
N THR A 103 10.79 -5.49 -0.59
CA THR A 103 10.80 -5.83 -2.04
C THR A 103 10.97 -4.56 -2.88
N THR A 104 10.25 -3.51 -2.54
CA THR A 104 10.26 -2.21 -3.26
C THR A 104 11.68 -1.62 -3.18
N MET A 105 12.23 -1.58 -1.97
CA MET A 105 13.57 -0.99 -1.75
C MET A 105 14.64 -1.76 -2.52
N ARG A 106 14.60 -3.09 -2.48
N ARG A 106 14.61 -3.11 -2.49
CA ARG A 106 15.60 -3.94 -3.18
CA ARG A 106 15.63 -3.94 -3.20
C ARG A 106 15.55 -3.64 -4.69
C ARG A 106 15.55 -3.63 -4.69
N ARG A 107 14.34 -3.64 -5.25
CA ARG A 107 14.12 -3.36 -6.68
C ARG A 107 14.69 -1.98 -7.04
N ALA A 108 14.49 -0.99 -6.16
CA ALA A 108 14.94 0.38 -6.42
C ALA A 108 16.47 0.41 -6.48
N VAL A 109 17.14 -0.25 -5.53
CA VAL A 109 18.63 -0.28 -5.49
C VAL A 109 19.14 -0.95 -6.79
N GLU A 110 18.57 -2.11 -7.12
CA GLU A 110 19.03 -2.95 -8.25
C GLU A 110 18.77 -2.26 -9.59
N ARG A 111 17.61 -1.64 -9.78
CA ARG A 111 17.19 -1.06 -11.09
C ARG A 111 17.76 0.36 -11.25
N PHE A 112 17.84 1.15 -10.18
CA PHE A 112 18.07 2.61 -10.29
C PHE A 112 19.39 3.04 -9.64
N ASP A 113 20.05 2.16 -8.89
CA ASP A 113 21.37 2.46 -8.26
C ASP A 113 21.21 3.64 -7.30
N VAL A 114 20.17 3.57 -6.45
CA VAL A 114 19.87 4.61 -5.44
C VAL A 114 20.12 4.06 -4.04
N ASN A 115 20.33 4.99 -3.11
CA ASN A 115 20.29 4.72 -1.65
C ASN A 115 18.82 4.58 -1.27
N VAL A 116 18.53 3.83 -0.21
CA VAL A 116 17.13 3.63 0.24
C VAL A 116 17.08 3.77 1.74
N ILE A 117 15.93 4.28 2.19
CA ILE A 117 15.51 4.33 3.61
C ILE A 117 14.08 3.80 3.65
N GLY A 118 13.84 2.80 4.49
CA GLY A 118 12.47 2.29 4.70
C GLY A 118 12.01 2.53 6.12
N LEU A 119 10.72 2.79 6.27
CA LEU A 119 10.03 2.95 7.57
C LEU A 119 9.03 1.82 7.70
N THR A 120 9.07 1.11 8.82
CA THR A 120 8.07 0.10 9.21
C THR A 120 7.92 0.17 10.74
N LEU A 121 6.76 -0.21 11.26
CA LEU A 121 6.56 -0.37 12.72
C LEU A 121 6.55 -1.85 13.11
N SER A 122 6.68 -2.77 12.14
CA SER A 122 6.79 -4.25 12.38
C SER A 122 8.24 -4.65 12.68
N LYS A 123 8.49 -5.21 13.86
CA LYS A 123 9.85 -5.68 14.24
C LYS A 123 10.28 -6.79 13.27
N ASN A 124 9.35 -7.67 12.87
CA ASN A 124 9.65 -8.81 11.98
C ASN A 124 10.05 -8.28 10.61
N GLN A 125 9.28 -7.32 10.09
CA GLN A 125 9.54 -6.72 8.76
C GLN A 125 10.85 -5.94 8.83
N HIS A 126 11.14 -5.27 9.95
CA HIS A 126 12.40 -4.51 10.13
C HIS A 126 13.60 -5.47 9.95
N ALA A 127 13.57 -6.62 10.62
CA ALA A 127 14.69 -7.60 10.62
C ALA A 127 14.85 -8.21 9.22
N ARG A 128 13.73 -8.50 8.57
CA ARG A 128 13.77 -9.11 7.22
C ARG A 128 14.31 -8.08 6.23
N CYS A 129 13.87 -6.82 6.31
CA CYS A 129 14.35 -5.75 5.39
C CYS A 129 15.87 -5.58 5.53
N GLU A 130 16.40 -5.62 6.75
CA GLU A 130 17.85 -5.41 6.99
C GLU A 130 18.62 -6.53 6.27
N GLN A 131 18.11 -7.76 6.35
CA GLN A 131 18.73 -8.93 5.71
C GLN A 131 18.57 -8.84 4.19
N VAL A 132 17.38 -8.49 3.69
CA VAL A 132 17.17 -8.29 2.23
C VAL A 132 18.18 -7.27 1.71
N LEU A 133 18.31 -6.12 2.39
CA LEU A 133 19.15 -5.02 1.84
C LEU A 133 20.64 -5.38 1.97
N ALA A 134 21.05 -6.04 3.06
CA ALA A 134 22.46 -6.44 3.27
C ALA A 134 22.86 -7.44 2.16
N SER A 135 21.90 -8.21 1.65
CA SER A 135 22.12 -9.26 0.61
C SER A 135 22.51 -8.62 -0.72
N ILE A 136 22.16 -7.35 -0.95
CA ILE A 136 22.34 -6.70 -2.28
C ILE A 136 23.83 -6.37 -2.46
N ASP A 137 24.34 -6.66 -3.66
CA ASP A 137 25.72 -6.34 -4.10
C ASP A 137 25.73 -4.89 -4.56
N THR A 138 26.09 -3.96 -3.67
CA THR A 138 26.00 -2.50 -3.91
C THR A 138 26.84 -1.78 -2.86
N ASN A 139 27.32 -0.58 -3.18
CA ASN A 139 27.95 0.35 -2.22
C ASN A 139 26.93 1.40 -1.77
N ARG A 140 25.71 1.40 -2.33
CA ARG A 140 24.66 2.39 -1.94
C ARG A 140 24.27 2.14 -0.49
N SER A 141 23.87 3.18 0.24
CA SER A 141 23.46 3.03 1.66
C SER A 141 22.03 2.49 1.70
N ARG A 142 21.79 1.59 2.64
CA ARG A 142 20.49 0.94 2.86
C ARG A 142 20.21 1.06 4.34
N GLN A 143 19.08 1.64 4.69
CA GLN A 143 18.70 1.88 6.10
C GLN A 143 17.24 1.49 6.25
N VAL A 144 16.93 0.80 7.34
CA VAL A 144 15.53 0.49 7.72
C VAL A 144 15.34 1.01 9.14
N LEU A 145 14.31 1.82 9.35
CA LEU A 145 14.03 2.46 10.65
C LEU A 145 12.72 1.89 11.19
N LEU A 146 12.72 1.45 12.44
CA LEU A 146 11.48 1.04 13.13
C LEU A 146 10.81 2.32 13.64
N GLN A 147 10.12 3.04 12.77
CA GLN A 147 9.49 4.32 13.14
C GLN A 147 8.47 4.71 12.09
N GLY A 148 7.57 5.63 12.45
CA GLY A 148 6.53 6.14 11.53
C GLY A 148 7.04 7.39 10.86
N TRP A 149 6.37 7.83 9.79
CA TRP A 149 6.75 9.03 9.03
C TRP A 149 6.71 10.27 9.95
N GLU A 150 5.86 10.27 10.99
CA GLU A 150 5.71 11.41 11.93
C GLU A 150 7.07 11.77 12.56
N ASP A 151 7.93 10.77 12.77
CA ASP A 151 9.24 10.91 13.48
C ASP A 151 10.39 10.99 12.47
N PHE A 152 10.10 10.96 11.17
CA PHE A 152 11.14 10.96 10.11
C PHE A 152 11.24 12.38 9.52
N ALA A 153 12.42 12.99 9.63
CA ALA A 153 12.65 14.36 9.13
C ALA A 153 14.04 14.49 8.52
N GLU A 154 14.45 13.54 7.67
CA GLU A 154 15.75 13.62 6.96
C GLU A 154 15.46 13.93 5.50
N PRO A 155 16.30 14.77 4.86
CA PRO A 155 16.21 15.01 3.43
C PRO A 155 16.31 13.73 2.61
N VAL A 156 15.43 13.57 1.63
CA VAL A 156 15.38 12.44 0.67
C VAL A 156 15.01 13.02 -0.69
N ASP A 157 15.29 12.29 -1.76
CA ASP A 157 15.06 12.78 -3.14
C ASP A 157 13.62 12.50 -3.57
N ARG A 158 13.13 11.30 -3.27
CA ARG A 158 11.87 10.74 -3.80
C ARG A 158 11.23 9.86 -2.72
N ILE A 159 9.92 9.68 -2.80
CA ILE A 159 9.14 8.93 -1.77
C ILE A 159 8.19 7.98 -2.49
N VAL A 160 8.12 6.75 -2.02
CA VAL A 160 7.10 5.78 -2.48
C VAL A 160 6.36 5.28 -1.23
N SER A 161 5.04 5.15 -1.30
CA SER A 161 4.25 4.59 -0.18
C SER A 161 3.13 3.74 -0.76
N ILE A 162 3.21 2.43 -0.54
CA ILE A 162 2.26 1.46 -1.15
C ILE A 162 1.37 0.87 -0.05
N GLU A 163 0.11 1.29 -0.03
CA GLU A 163 -0.99 0.78 0.83
C GLU A 163 -0.58 0.81 2.31
N ALA A 164 -0.02 1.93 2.75
CA ALA A 164 0.21 2.28 4.18
C ALA A 164 -0.75 3.42 4.60
N PHE A 165 -1.09 4.27 3.65
CA PHE A 165 -1.85 5.54 3.79
C PHE A 165 -3.19 5.32 4.49
N GLU A 166 -3.83 4.17 4.27
CA GLU A 166 -5.15 3.84 4.86
C GLU A 166 -5.07 3.74 6.39
N HIS A 167 -3.88 3.60 6.97
CA HIS A 167 -3.69 3.57 8.44
C HIS A 167 -3.57 5.00 9.01
N PHE A 168 -3.25 6.01 8.21
CA PHE A 168 -2.75 7.30 8.76
C PHE A 168 -3.85 8.05 9.52
N GLY A 169 -5.09 8.01 9.05
CA GLY A 169 -6.24 8.77 9.58
C GLY A 169 -6.37 10.12 8.90
N HIS A 170 -7.60 10.54 8.59
CA HIS A 170 -7.94 11.80 7.86
C HIS A 170 -7.28 13.03 8.50
N GLU A 171 -7.30 13.14 9.84
CA GLU A 171 -6.80 14.32 10.59
C GLU A 171 -5.27 14.44 10.45
N ASN A 172 -4.58 13.42 9.93
CA ASN A 172 -3.10 13.43 9.79
C ASN A 172 -2.68 13.66 8.33
N TYR A 173 -3.61 13.79 7.39
CA TYR A 173 -3.24 13.92 5.96
C TYR A 173 -2.48 15.24 5.71
N ASP A 174 -2.91 16.36 6.29
CA ASP A 174 -2.23 17.67 6.11
C ASP A 174 -0.78 17.55 6.61
N ASP A 175 -0.56 16.97 7.78
CA ASP A 175 0.82 16.82 8.33
C ASP A 175 1.63 15.88 7.41
N PHE A 176 1.00 14.83 6.87
CA PHE A 176 1.70 13.85 6.01
C PHE A 176 2.23 14.55 4.76
N PHE A 177 1.36 15.25 4.03
CA PHE A 177 1.74 15.86 2.74
C PHE A 177 2.74 16.99 2.97
N LYS A 178 2.61 17.72 4.07
CA LYS A 178 3.53 18.82 4.41
C LYS A 178 4.92 18.24 4.67
N ARG A 179 5.01 17.16 5.47
CA ARG A 179 6.29 16.49 5.78
C ARG A 179 6.93 16.04 4.45
N CYS A 180 6.17 15.35 3.59
CA CYS A 180 6.68 14.80 2.32
C CYS A 180 7.19 15.94 1.43
N PHE A 181 6.44 17.03 1.32
CA PHE A 181 6.84 18.20 0.49
C PHE A 181 8.17 18.76 1.00
N ASN A 182 8.28 18.89 2.32
CA ASN A 182 9.39 19.65 2.97
C ASN A 182 10.70 18.84 2.97
N ILE A 183 10.67 17.51 2.96
CA ILE A 183 11.93 16.70 3.08
C ILE A 183 12.52 16.46 1.70
N MET A 184 11.81 16.83 0.62
CA MET A 184 12.25 16.58 -0.77
C MET A 184 12.85 17.84 -1.38
N PRO A 185 13.73 17.67 -2.38
CA PRO A 185 14.37 18.79 -3.06
C PRO A 185 13.37 19.42 -4.02
N ALA A 186 13.78 20.43 -4.78
CA ALA A 186 12.91 21.18 -5.71
C ALA A 186 12.31 20.25 -6.75
N ASP A 187 13.01 19.19 -7.19
CA ASP A 187 12.55 18.28 -8.27
C ASP A 187 11.88 17.02 -7.67
N GLY A 188 11.48 17.05 -6.39
CA GLY A 188 10.90 15.90 -5.66
C GLY A 188 9.65 15.37 -6.32
N ARG A 189 9.43 14.07 -6.15
CA ARG A 189 8.19 13.37 -6.58
C ARG A 189 7.89 12.28 -5.55
N MET A 190 6.61 11.97 -5.40
CA MET A 190 6.12 10.93 -4.49
C MET A 190 5.02 10.17 -5.21
N THR A 191 4.97 8.85 -5.04
CA THR A 191 3.74 8.07 -5.33
C THR A 191 3.15 7.57 -4.01
N VAL A 192 1.82 7.60 -3.94
CA VAL A 192 1.04 6.97 -2.87
C VAL A 192 0.00 6.09 -3.55
N GLN A 193 0.06 4.79 -3.29
CA GLN A 193 -0.94 3.81 -3.76
C GLN A 193 -1.81 3.50 -2.55
N SER A 194 -3.12 3.62 -2.70
CA SER A 194 -4.06 3.43 -1.57
C SER A 194 -5.40 2.94 -2.11
N SER A 195 -6.03 2.04 -1.36
CA SER A 195 -7.47 1.71 -1.49
C SER A 195 -8.23 2.98 -1.10
N VAL A 196 -9.37 3.20 -1.75
CA VAL A 196 -10.21 4.40 -1.57
C VAL A 196 -11.67 3.94 -1.55
N SER A 197 -12.52 4.71 -0.89
CA SER A 197 -13.98 4.63 -1.03
C SER A 197 -14.42 5.96 -1.63
N TYR A 198 -15.72 6.23 -1.69
CA TYR A 198 -16.26 7.49 -2.25
C TYR A 198 -16.92 8.27 -1.10
N HIS A 199 -16.98 9.60 -1.23
CA HIS A 199 -17.77 10.47 -0.34
C HIS A 199 -19.18 9.87 -0.22
N PRO A 200 -19.80 9.85 0.99
CA PRO A 200 -21.14 9.29 1.13
C PRO A 200 -22.13 9.81 0.08
N TYR A 201 -22.06 11.11 -0.25
CA TYR A 201 -22.91 11.78 -1.28
C TYR A 201 -22.81 10.99 -2.60
N GLU A 202 -21.58 10.70 -3.05
CA GLU A 202 -21.30 10.00 -4.33
C GLU A 202 -21.75 8.54 -4.25
N MET A 203 -21.49 7.86 -3.12
N MET A 203 -21.51 7.86 -3.12
CA MET A 203 -21.96 6.47 -2.84
CA MET A 203 -21.97 6.45 -2.89
C MET A 203 -23.49 6.40 -2.96
C MET A 203 -23.49 6.37 -2.95
N ALA A 204 -24.19 7.41 -2.43
CA ALA A 204 -25.68 7.50 -2.47
C ALA A 204 -26.16 7.63 -3.91
N ALA A 205 -25.38 8.30 -4.79
CA ALA A 205 -25.69 8.46 -6.23
C ALA A 205 -25.83 7.09 -6.91
N ARG A 206 -24.96 6.13 -6.56
CA ARG A 206 -24.90 4.75 -7.13
C ARG A 206 -25.75 3.79 -6.28
N GLY A 207 -27.01 4.13 -6.03
CA GLY A 207 -27.98 3.30 -5.26
C GLY A 207 -27.82 3.41 -3.75
N LYS A 208 -28.91 3.77 -3.06
CA LYS A 208 -28.99 3.83 -1.57
C LYS A 208 -28.73 2.43 -0.97
N LYS A 209 -29.34 1.37 -1.55
CA LYS A 209 -29.20 -0.01 -0.99
C LYS A 209 -27.71 -0.36 -0.90
N LEU A 210 -26.96 -0.09 -1.97
CA LEU A 210 -25.51 -0.41 -2.10
C LEU A 210 -24.67 0.52 -1.21
N SER A 211 -25.07 1.77 -0.99
CA SER A 211 -24.27 2.71 -0.17
C SER A 211 -24.21 2.22 1.30
N PHE A 212 -25.32 1.76 1.89
CA PHE A 212 -25.36 1.34 3.33
C PHE A 212 -24.62 -0.01 3.54
N GLU A 213 -24.75 -0.90 2.56
CA GLU A 213 -24.15 -2.25 2.51
C GLU A 213 -22.63 -2.10 2.40
N THR A 214 -22.16 -1.17 1.56
CA THR A 214 -20.70 -0.93 1.36
C THR A 214 -20.12 -0.30 2.63
N ALA A 215 -20.83 0.68 3.19
CA ALA A 215 -20.32 1.35 4.41
C ALA A 215 -20.13 0.31 5.52
N ARG A 216 -21.04 -0.66 5.61
CA ARG A 216 -20.95 -1.67 6.70
C ARG A 216 -19.74 -2.57 6.48
N PHE A 217 -19.46 -2.94 5.23
CA PHE A 217 -18.28 -3.78 4.91
C PHE A 217 -17.00 -2.99 5.24
N ILE A 218 -16.97 -1.72 4.86
CA ILE A 218 -15.78 -0.87 5.17
C ILE A 218 -15.58 -0.86 6.70
N LYS A 219 -16.65 -0.72 7.48
CA LYS A 219 -16.54 -0.76 8.96
C LYS A 219 -15.90 -2.09 9.41
N PHE A 220 -16.32 -3.21 8.81
CA PHE A 220 -15.75 -4.56 9.09
C PHE A 220 -14.25 -4.56 8.77
N ILE A 221 -13.87 -4.06 7.59
CA ILE A 221 -12.43 -3.98 7.18
C ILE A 221 -11.63 -3.25 8.28
N VAL A 222 -12.09 -2.07 8.72
CA VAL A 222 -11.29 -1.19 9.60
C VAL A 222 -11.53 -1.51 11.07
N THR A 223 -12.28 -2.58 11.36
CA THR A 223 -12.47 -3.09 12.74
C THR A 223 -11.72 -4.41 12.93
N GLU A 224 -11.87 -5.35 12.01
CA GLU A 224 -11.48 -6.77 12.17
C GLU A 224 -10.24 -7.13 11.35
N ILE A 225 -9.96 -6.40 10.26
CA ILE A 225 -8.86 -6.74 9.31
C ILE A 225 -7.70 -5.77 9.55
N PHE A 226 -7.96 -4.46 9.52
CA PHE A 226 -6.96 -3.40 9.79
C PHE A 226 -7.50 -2.50 10.90
N PRO A 227 -7.48 -2.95 12.18
CA PRO A 227 -8.02 -2.15 13.28
C PRO A 227 -7.50 -0.71 13.27
N GLY A 228 -8.40 0.26 13.42
CA GLY A 228 -8.08 1.70 13.48
C GLY A 228 -7.84 2.32 12.11
N GLY A 229 -7.95 1.55 11.02
CA GLY A 229 -7.79 2.05 9.65
C GLY A 229 -8.86 3.07 9.28
N ARG A 230 -8.65 3.83 8.22
CA ARG A 230 -9.71 4.72 7.67
C ARG A 230 -9.41 4.97 6.19
N LEU A 231 -10.32 4.54 5.32
CA LEU A 231 -10.15 4.74 3.86
C LEU A 231 -10.25 6.22 3.55
N PRO A 232 -9.34 6.76 2.70
CA PRO A 232 -9.58 8.04 2.07
C PRO A 232 -10.50 7.85 0.87
N SER A 233 -10.87 8.97 0.24
CA SER A 233 -11.35 9.04 -1.16
C SER A 233 -10.19 9.49 -2.03
N THR A 234 -10.23 9.19 -3.33
CA THR A 234 -9.23 9.71 -4.29
C THR A 234 -9.19 11.23 -4.18
N GLU A 235 -10.37 11.86 -4.05
CA GLU A 235 -10.45 13.34 -4.02
C GLU A 235 -9.67 13.86 -2.80
N MET A 236 -9.78 13.19 -1.65
CA MET A 236 -8.98 13.58 -0.46
C MET A 236 -7.49 13.46 -0.76
N MET A 237 -7.07 12.35 -1.37
CA MET A 237 -5.64 12.09 -1.65
C MET A 237 -5.13 13.22 -2.57
N VAL A 238 -5.94 13.64 -3.53
CA VAL A 238 -5.56 14.71 -4.49
C VAL A 238 -5.52 16.05 -3.77
N GLU A 239 -6.60 16.41 -3.07
CA GLU A 239 -6.78 17.79 -2.57
C GLU A 239 -5.76 18.06 -1.46
N HIS A 240 -5.45 17.06 -0.63
CA HIS A 240 -4.46 17.22 0.45
C HIS A 240 -3.06 17.41 -0.15
N GLY A 241 -2.73 16.70 -1.22
CA GLY A 241 -1.46 16.92 -1.94
C GLY A 241 -1.38 18.33 -2.49
N GLU A 242 -2.44 18.79 -3.15
CA GLU A 242 -2.47 20.15 -3.76
C GLU A 242 -2.30 21.22 -2.68
N LYS A 243 -2.97 21.08 -1.54
CA LYS A 243 -2.89 22.07 -0.43
C LYS A 243 -1.44 22.17 0.06
N ALA A 244 -0.68 21.07 0.03
CA ALA A 244 0.74 21.03 0.47
C ALA A 244 1.66 21.69 -0.58
N GLY A 245 1.17 21.87 -1.82
CA GLY A 245 1.88 22.57 -2.91
C GLY A 245 2.24 21.65 -4.06
N PHE A 246 1.87 20.37 -4.02
CA PHE A 246 2.15 19.40 -5.12
C PHE A 246 1.22 19.64 -6.32
N THR A 247 1.77 19.44 -7.51
CA THR A 247 1.04 19.17 -8.78
C THR A 247 0.58 17.72 -8.76
N VAL A 248 -0.70 17.46 -9.02
CA VAL A 248 -1.27 16.09 -8.97
C VAL A 248 -1.94 15.79 -10.30
N PRO A 249 -1.29 15.00 -11.18
CA PRO A 249 -1.91 14.58 -12.43
C PRO A 249 -3.06 13.61 -12.15
N GLU A 250 -3.75 13.17 -13.19
CA GLU A 250 -4.91 12.26 -13.02
C GLU A 250 -4.41 10.99 -12.35
N PRO A 251 -4.97 10.61 -11.20
CA PRO A 251 -4.59 9.35 -10.57
C PRO A 251 -4.90 8.14 -11.43
N LEU A 252 -4.08 7.09 -11.32
CA LEU A 252 -4.30 5.79 -12.00
C LEU A 252 -5.19 4.92 -11.13
N SER A 253 -6.31 4.46 -11.67
CA SER A 253 -7.17 3.46 -11.02
C SER A 253 -6.56 2.06 -11.25
N LEU A 254 -6.41 1.27 -10.19
CA LEU A 254 -5.93 -0.13 -10.27
C LEU A 254 -7.08 -1.12 -10.02
N ARG A 255 -8.34 -0.67 -10.03
CA ARG A 255 -9.52 -1.50 -9.69
C ARG A 255 -9.47 -2.88 -10.36
N PRO A 256 -9.33 -3.00 -11.70
CA PRO A 256 -9.31 -4.31 -12.35
C PRO A 256 -8.19 -5.23 -11.83
N HIS A 257 -7.03 -4.65 -11.52
CA HIS A 257 -5.84 -5.35 -10.97
C HIS A 257 -6.14 -5.84 -9.56
N TYR A 258 -6.84 -5.04 -8.74
CA TYR A 258 -7.13 -5.46 -7.35
C TYR A 258 -8.15 -6.61 -7.39
N ILE A 259 -9.09 -6.57 -8.33
CA ILE A 259 -10.10 -7.66 -8.51
C ILE A 259 -9.34 -8.98 -8.75
N LYS A 260 -8.42 -9.00 -9.72
CA LYS A 260 -7.59 -10.20 -10.05
C LYS A 260 -6.77 -10.62 -8.83
N THR A 261 -6.19 -9.66 -8.11
CA THR A 261 -5.32 -9.93 -6.93
C THR A 261 -6.16 -10.63 -5.86
N LEU A 262 -7.33 -10.09 -5.54
CA LEU A 262 -8.21 -10.58 -4.45
C LEU A 262 -8.77 -11.95 -4.83
N ARG A 263 -9.04 -12.19 -6.11
CA ARG A 263 -9.53 -13.50 -6.66
C ARG A 263 -8.46 -14.55 -6.35
N ILE A 264 -7.19 -14.25 -6.65
CA ILE A 264 -6.05 -15.19 -6.44
C ILE A 264 -5.83 -15.40 -4.94
N TRP A 265 -5.86 -14.33 -4.15
CA TRP A 265 -5.68 -14.42 -2.68
C TRP A 265 -6.78 -15.30 -2.09
N GLY A 266 -8.03 -15.02 -2.42
CA GLY A 266 -9.19 -15.82 -1.96
C GLY A 266 -9.06 -17.28 -2.38
N ASP A 267 -8.81 -17.54 -3.67
CA ASP A 267 -8.67 -18.91 -4.21
C ASP A 267 -7.52 -19.63 -3.47
N THR A 268 -6.43 -18.93 -3.17
CA THR A 268 -5.24 -19.51 -2.50
C THR A 268 -5.55 -19.81 -1.03
N LEU A 269 -6.16 -18.86 -0.31
CA LEU A 269 -6.55 -19.10 1.12
C LEU A 269 -7.45 -20.32 1.17
N GLN A 270 -8.47 -20.37 0.31
CA GLN A 270 -9.45 -21.48 0.29
C GLN A 270 -8.74 -22.82 0.02
N SER A 271 -7.80 -22.86 -0.94
CA SER A 271 -7.04 -24.07 -1.30
C SER A 271 -6.18 -24.51 -0.10
N ASN A 272 -5.88 -23.60 0.84
CA ASN A 272 -5.02 -23.87 2.03
C ASN A 272 -5.84 -23.88 3.33
N LYS A 273 -7.16 -24.11 3.23
CA LYS A 273 -8.11 -23.92 4.35
C LYS A 273 -7.62 -24.66 5.61
N ASP A 274 -7.36 -25.95 5.49
CA ASP A 274 -7.00 -26.84 6.63
C ASP A 274 -5.77 -26.23 7.32
N LYS A 275 -4.71 -25.96 6.51
CA LYS A 275 -3.42 -25.41 7.03
C LYS A 275 -3.67 -24.06 7.72
N ALA A 276 -4.56 -23.23 7.15
CA ALA A 276 -4.85 -21.88 7.69
C ALA A 276 -5.57 -22.01 9.04
N ILE A 277 -6.51 -22.95 9.17
CA ILE A 277 -7.26 -23.20 10.43
C ILE A 277 -6.25 -23.69 11.49
N GLU A 278 -5.34 -24.60 11.11
CA GLU A 278 -4.34 -25.19 12.05
C GLU A 278 -3.46 -24.06 12.60
N VAL A 279 -2.99 -23.16 11.75
CA VAL A 279 -2.08 -22.04 12.15
C VAL A 279 -2.85 -21.01 13.00
N THR A 280 -4.17 -20.83 12.78
CA THR A 280 -4.99 -19.80 13.48
C THR A 280 -6.24 -20.44 14.08
N SER A 281 -7.37 -20.36 13.39
CA SER A 281 -8.68 -20.90 13.84
C SER A 281 -9.67 -20.84 12.68
N GLU A 282 -10.81 -21.51 12.79
CA GLU A 282 -11.91 -21.42 11.78
C GLU A 282 -12.39 -19.98 11.72
N GLU A 283 -12.53 -19.32 12.87
CA GLU A 283 -12.93 -17.90 12.99
C GLU A 283 -12.05 -17.03 12.07
N VAL A 284 -10.73 -17.20 12.15
CA VAL A 284 -9.77 -16.31 11.43
C VAL A 284 -9.86 -16.63 9.93
N TYR A 285 -9.91 -17.91 9.55
CA TYR A 285 -10.11 -18.34 8.14
C TYR A 285 -11.37 -17.67 7.58
N ASN A 286 -12.52 -17.81 8.26
CA ASN A 286 -13.82 -17.25 7.80
C ASN A 286 -13.73 -15.72 7.67
N ARG A 287 -13.08 -15.07 8.63
CA ARG A 287 -12.89 -13.60 8.63
C ARG A 287 -12.14 -13.20 7.35
N TYR A 288 -11.07 -13.89 7.01
CA TYR A 288 -10.21 -13.50 5.85
C TYR A 288 -10.91 -13.92 4.56
N MET A 289 -11.65 -15.04 4.53
CA MET A 289 -12.45 -15.37 3.31
C MET A 289 -13.49 -14.26 3.08
N LYS A 290 -14.11 -13.75 4.13
CA LYS A 290 -15.14 -12.69 4.05
C LYS A 290 -14.48 -11.40 3.52
N TYR A 291 -13.32 -11.05 4.07
CA TYR A 291 -12.52 -9.87 3.63
C TYR A 291 -12.20 -9.99 2.14
N LEU A 292 -11.61 -11.11 1.73
CA LEU A 292 -11.07 -11.27 0.35
C LEU A 292 -12.22 -11.35 -0.67
N ARG A 293 -13.19 -12.25 -0.50
CA ARG A 293 -14.39 -12.32 -1.39
C ARG A 293 -15.16 -10.99 -1.34
N GLY A 294 -15.38 -10.45 -0.14
CA GLY A 294 -16.08 -9.16 0.07
C GLY A 294 -15.44 -8.04 -0.74
N CYS A 295 -14.14 -7.81 -0.58
CA CYS A 295 -13.43 -6.77 -1.35
C CYS A 295 -13.58 -7.00 -2.85
N GLU A 296 -13.41 -8.24 -3.33
CA GLU A 296 -13.51 -8.53 -4.79
C GLU A 296 -14.89 -8.06 -5.26
N HIS A 297 -15.92 -8.37 -4.49
CA HIS A 297 -17.32 -8.02 -4.81
C HIS A 297 -17.46 -6.49 -4.92
N TYR A 298 -17.03 -5.74 -3.90
CA TYR A 298 -17.27 -4.29 -3.81
C TYR A 298 -16.38 -3.54 -4.81
N PHE A 299 -15.17 -4.04 -5.09
CA PHE A 299 -14.35 -3.54 -6.22
C PHE A 299 -15.13 -3.78 -7.54
N THR A 300 -15.68 -4.97 -7.72
CA THR A 300 -16.37 -5.37 -8.99
C THR A 300 -17.57 -4.44 -9.20
N ASP A 301 -18.30 -4.12 -8.13
CA ASP A 301 -19.51 -3.26 -8.12
C ASP A 301 -19.12 -1.78 -8.09
N GLU A 302 -17.82 -1.46 -8.15
CA GLU A 302 -17.32 -0.06 -8.30
C GLU A 302 -17.75 0.80 -7.11
N MET A 303 -17.80 0.21 -5.90
CA MET A 303 -18.04 0.93 -4.62
C MET A 303 -16.73 1.13 -3.85
N LEU A 304 -15.67 0.41 -4.24
CA LEU A 304 -14.27 0.64 -3.79
C LEU A 304 -13.37 0.84 -5.01
N ASP A 305 -12.22 1.48 -4.81
CA ASP A 305 -11.24 1.68 -5.90
C ASP A 305 -9.86 1.60 -5.25
N CYS A 306 -8.83 1.58 -6.08
CA CYS A 306 -7.41 1.65 -5.67
C CYS A 306 -6.75 2.67 -6.57
N SER A 307 -6.22 3.73 -5.96
CA SER A 307 -5.63 4.89 -6.66
C SER A 307 -4.12 4.94 -6.46
N LEU A 308 -3.38 5.05 -7.55
CA LEU A 308 -1.93 5.34 -7.54
C LEU A 308 -1.78 6.81 -7.93
N VAL A 309 -1.53 7.64 -6.93
CA VAL A 309 -1.51 9.12 -7.08
C VAL A 309 -0.05 9.54 -7.12
N THR A 310 0.30 10.35 -8.12
CA THR A 310 1.64 10.95 -8.28
C THR A 310 1.58 12.40 -7.77
N TYR A 311 2.55 12.78 -6.96
CA TYR A 311 2.69 14.13 -6.37
C TYR A 311 4.00 14.72 -6.88
N LEU A 312 3.90 15.81 -7.65
CA LEU A 312 5.07 16.45 -8.27
C LEU A 312 5.35 17.79 -7.57
N LYS A 313 6.60 18.03 -7.15
CA LYS A 313 6.97 19.35 -6.59
C LYS A 313 7.04 20.31 -7.76
N PRO A 314 6.87 21.64 -7.52
CA PRO A 314 6.88 22.63 -8.61
C PRO A 314 8.09 22.55 -9.55
N GLY A 315 9.27 22.18 -9.05
CA GLY A 315 10.49 22.06 -9.86
C GLY A 315 10.69 20.66 -10.43
N ALA A 316 9.73 19.75 -10.33
CA ALA A 316 9.85 18.38 -10.88
C ALA A 316 10.19 18.47 -12.38
N ALA A 317 11.06 17.58 -12.86
CA ALA A 317 11.45 17.44 -14.30
C ALA A 317 10.19 17.19 -15.15
N ALA A 318 10.14 17.70 -16.38
CA ALA A 318 8.94 17.72 -17.26
C ALA A 318 8.46 16.29 -17.54
CAA M6H B . -7.66 -0.24 5.61
CAB M6H B . -7.56 -0.69 4.29
CAC M6H B . -6.53 -0.10 6.38
CAD M6H B . -6.32 -0.99 3.75
CAE M6H B . -5.29 -0.40 5.85
CAF M6H B . -3.84 -4.26 2.10
CAG M6H B . -2.90 -4.53 3.10
CAH M6H B . -3.80 -1.15 3.98
CAK M6H B . -3.63 -2.54 3.37
CAL M6H B . -5.18 -0.85 4.54
NAI M6H B . -4.26 -3.02 2.31
NAJ M6H B . -2.80 -3.44 3.86
S DMS C . -8.57 -2.59 1.09
O DMS C . -8.88 -3.41 2.31
C1 DMS C . -7.86 -3.71 -0.10
C2 DMS C . -10.11 -2.27 0.29
S DMS D . 5.39 4.27 8.17
O DMS D . 4.89 5.46 8.97
C1 DMS D . 5.86 3.04 9.36
C2 DMS D . 3.93 3.47 7.59
S DMS E . 1.94 -9.56 7.38
O DMS E . 2.19 -9.46 5.90
C1 DMS E . 3.05 -8.42 8.17
C2 DMS E . 0.43 -8.66 7.67
MG MG F . 9.56 -13.31 4.78
MG MG G . -19.57 -10.69 -0.57
#